data_4YJ6
#
_entry.id   4YJ6
#
_cell.length_a   75.760
_cell.length_b   75.760
_cell.length_c   214.000
_cell.angle_alpha   90.00
_cell.angle_beta   90.00
_cell.angle_gamma   90.00
#
_symmetry.space_group_name_H-M   'P 41 21 2'
#
loop_
_entity.id
_entity.type
_entity.pdbx_description
1 polymer 'Aryl acylamidase'
2 non-polymer 'PHOSPHATE ION'
3 water water
#
_entity_poly.entity_id   1
_entity_poly.type   'polypeptide(L)'
_entity_poly.pdbx_seq_one_letter_code
;(MSE)GKSHSPVHWKSAAEIVELVKSKQISPREVVESTIDLIEQRDPGLNAVVYKAYDEAREKAAALERRI(MSE)QGEP
VG(MSE)LAGVPTL(MSE)KDLFAAKPGWPSTLGGIRALKDARGAAGVWSTYPLK(MSE)SGEDSLLLGQTNSPVYGFRG
TTDNTFFGPTRNPFNLDFNAGGSSGGAAALVADGIVPVAGGTDGGGSIRIPAAWTNTYGFQPSIGRVPFKSRPNAFHPGP
YLYEGPITRTVRDAALA(MSE)NVLHGFDRRDPASLRVKLDFTSALAQGVRGKKIGLTLNYGVFPVQQEIQDLIGKAARV
FTELGAHVEFVDLGIPYSQKQ(MSE)SDAWCR(MSE)IAIPTVAS(MSE)QALRKEGIDLYGEHRADIPDAL(MSE)KWI
DAVADISVQQISADQLLRTTVFDC(MSE)NGVFDRFDLLLAPTLAC(MSE)PVRNATDGCTEGPSQINGEEIDPLIGWC
(MSE)TYLTNFSGHPSASVPAGLIDGLPAG(MSE)LIIGDRQADLDVIAASAAFERASPWSQYYDIPAGRPLHHHHHH
;
_entity_poly.pdbx_strand_id   A
#
# COMPACT_ATOMS: atom_id res chain seq x y z
N SER A 6 -23.86 -2.22 13.58
CA SER A 6 -23.68 -1.81 12.18
C SER A 6 -24.03 -2.95 11.19
N PRO A 7 -24.71 -2.63 10.09
CA PRO A 7 -24.90 -3.72 9.14
C PRO A 7 -23.63 -4.03 8.36
N VAL A 8 -22.63 -3.14 8.42
CA VAL A 8 -21.46 -3.32 7.54
C VAL A 8 -20.08 -3.34 8.26
N HIS A 9 -19.99 -2.85 9.48
CA HIS A 9 -18.70 -2.82 10.19
C HIS A 9 -18.12 -4.22 10.21
N TRP A 10 -16.85 -4.34 9.82
CA TRP A 10 -16.12 -5.62 9.82
C TRP A 10 -16.55 -6.68 8.78
N LYS A 11 -17.53 -6.38 7.94
CA LYS A 11 -17.92 -7.31 6.90
C LYS A 11 -16.82 -7.34 5.83
N SER A 12 -16.59 -8.52 5.27
CA SER A 12 -15.63 -8.63 4.16
C SER A 12 -16.23 -8.16 2.84
N ALA A 13 -15.38 -7.89 1.86
CA ALA A 13 -15.89 -7.58 0.53
C ALA A 13 -16.68 -8.75 -0.02
N ALA A 14 -16.19 -9.98 0.20
CA ALA A 14 -16.93 -11.15 -0.26
C ALA A 14 -18.31 -11.18 0.39
N GLU A 15 -18.40 -10.86 1.67
CA GLU A 15 -19.70 -10.86 2.35
C GLU A 15 -20.61 -9.77 1.82
N ILE A 16 -20.10 -8.56 1.65
CA ILE A 16 -20.92 -7.48 1.10
C ILE A 16 -21.42 -7.78 -0.29
N VAL A 17 -20.55 -8.29 -1.15
CA VAL A 17 -20.96 -8.64 -2.50
C VAL A 17 -22.20 -9.56 -2.43
N GLU A 18 -22.13 -10.55 -1.55
CA GLU A 18 -23.23 -11.52 -1.46
C GLU A 18 -24.50 -10.88 -0.87
N LEU A 19 -24.33 -10.04 0.16
CA LEU A 19 -25.45 -9.35 0.80
C LEU A 19 -26.17 -8.48 -0.23
N VAL A 20 -25.39 -7.83 -1.09
CA VAL A 20 -26.01 -6.93 -2.07
C VAL A 20 -26.63 -7.73 -3.23
N LYS A 21 -25.93 -8.76 -3.72
CA LYS A 21 -26.41 -9.54 -4.84
C LYS A 21 -27.70 -10.27 -4.47
N SER A 22 -27.78 -10.77 -3.25
CA SER A 22 -28.98 -11.47 -2.80
C SER A 22 -30.09 -10.54 -2.30
N LYS A 23 -29.89 -9.23 -2.49
CA LYS A 23 -30.86 -8.22 -2.07
C LYS A 23 -31.14 -8.19 -0.58
N GLN A 24 -30.20 -8.64 0.24
CA GLN A 24 -30.37 -8.53 1.68
C GLN A 24 -30.16 -7.11 2.17
N ILE A 25 -29.34 -6.35 1.45
CA ILE A 25 -29.09 -4.98 1.84
C ILE A 25 -28.98 -4.19 0.54
N SER A 26 -29.54 -2.99 0.53
CA SER A 26 -29.42 -2.11 -0.64
C SER A 26 -28.07 -1.43 -0.68
N PRO A 27 -27.53 -1.18 -1.91
CA PRO A 27 -26.35 -0.32 -2.03
C PRO A 27 -26.54 1.01 -1.29
N ARG A 28 -27.76 1.57 -1.32
CA ARG A 28 -28.01 2.79 -0.57
C ARG A 28 -27.67 2.63 0.90
N GLU A 29 -28.03 1.49 1.49
CA GLU A 29 -27.83 1.29 2.89
C GLU A 29 -26.34 1.04 3.16
N VAL A 30 -25.67 0.36 2.25
CA VAL A 30 -24.22 0.19 2.40
C VAL A 30 -23.57 1.57 2.49
N VAL A 31 -23.96 2.49 1.61
CA VAL A 31 -23.31 3.81 1.60
C VAL A 31 -23.62 4.57 2.91
N GLU A 32 -24.90 4.61 3.32
CA GLU A 32 -25.22 5.41 4.51
C GLU A 32 -24.59 4.83 5.77
N SER A 33 -24.55 3.51 5.86
CA SER A 33 -23.96 2.85 7.01
C SER A 33 -22.44 3.02 7.03
N THR A 34 -21.82 3.08 5.86
CA THR A 34 -20.37 3.30 5.80
C THR A 34 -20.08 4.74 6.19
N ILE A 35 -20.94 5.65 5.75
CA ILE A 35 -20.79 7.06 6.10
C ILE A 35 -20.88 7.20 7.61
N ASP A 36 -21.82 6.49 8.21
CA ASP A 36 -21.98 6.55 9.66
C ASP A 36 -20.68 6.14 10.34
N LEU A 37 -20.06 5.05 9.86
CA LEU A 37 -18.79 4.57 10.45
C LEU A 37 -17.67 5.59 10.27
N ILE A 38 -17.58 6.21 9.10
CA ILE A 38 -16.56 7.22 8.89
C ILE A 38 -16.81 8.37 9.85
N GLU A 39 -18.05 8.86 9.91
CA GLU A 39 -18.31 10.02 10.74
C GLU A 39 -18.06 9.74 12.23
N GLN A 40 -18.31 8.50 12.64
CA GLN A 40 -18.21 8.12 14.04
C GLN A 40 -16.76 7.80 14.43
N ARG A 41 -16.04 7.15 13.53
CA ARG A 41 -14.76 6.48 13.89
C ARG A 41 -13.53 7.19 13.33
N ASP A 42 -13.69 7.92 12.22
CA ASP A 42 -12.54 8.56 11.59
C ASP A 42 -12.04 9.80 12.31
N PRO A 43 -12.88 10.48 13.12
CA PRO A 43 -12.31 11.64 13.82
C PRO A 43 -11.01 11.35 14.55
N GLY A 44 -10.88 10.20 15.23
CA GLY A 44 -9.63 9.88 15.90
C GLY A 44 -8.54 9.44 14.94
N LEU A 45 -8.90 8.65 13.93
CA LEU A 45 -7.94 8.12 12.98
C LEU A 45 -7.38 9.17 12.02
N ASN A 46 -8.21 10.11 11.55
CA ASN A 46 -7.79 11.13 10.61
C ASN A 46 -7.26 10.48 9.33
N ALA A 47 -8.03 9.51 8.84
CA ALA A 47 -7.65 8.77 7.63
C ALA A 47 -8.27 9.37 6.36
N VAL A 48 -9.45 9.98 6.48
CA VAL A 48 -10.17 10.48 5.31
C VAL A 48 -9.82 11.94 5.04
N VAL A 49 -9.46 12.27 3.82
CA VAL A 49 -9.13 13.64 3.47
C VAL A 49 -10.11 14.27 2.48
N TYR A 50 -10.94 13.46 1.84
CA TYR A 50 -12.02 13.99 0.95
C TYR A 50 -13.20 13.05 1.07
N LYS A 51 -14.41 13.61 1.16
CA LYS A 51 -15.61 12.81 1.25
C LYS A 51 -16.43 13.07 0.00
N ALA A 52 -16.81 11.99 -0.68
CA ALA A 52 -17.59 12.06 -1.92
C ALA A 52 -18.94 11.38 -1.67
N TYR A 53 -19.59 11.80 -0.61
CA TYR A 53 -20.76 11.08 -0.15
C TYR A 53 -21.90 11.17 -1.18
N ASP A 54 -22.14 12.36 -1.73
CA ASP A 54 -23.28 12.44 -2.65
C ASP A 54 -23.03 11.63 -3.92
N GLU A 55 -21.77 11.59 -4.38
CA GLU A 55 -21.48 10.83 -5.56
C GLU A 55 -21.77 9.36 -5.31
N ALA A 56 -21.32 8.88 -4.15
CA ALA A 56 -21.56 7.52 -3.77
C ALA A 56 -23.05 7.25 -3.69
N ARG A 57 -23.83 8.20 -3.15
CA ARG A 57 -25.30 8.02 -3.06
C ARG A 57 -25.93 7.92 -4.44
N GLU A 58 -25.45 8.74 -5.37
CA GLU A 58 -25.93 8.70 -6.75
C GLU A 58 -25.62 7.38 -7.40
N LYS A 59 -24.39 6.91 -7.20
CA LYS A 59 -23.99 5.65 -7.79
C LYS A 59 -24.80 4.54 -7.15
N ALA A 60 -25.02 4.63 -5.84
CA ALA A 60 -25.78 3.57 -5.15
C ALA A 60 -27.22 3.49 -5.68
N ALA A 61 -27.83 4.66 -5.92
CA ALA A 61 -29.23 4.66 -6.46
C ALA A 61 -29.30 3.97 -7.81
N ALA A 62 -28.32 4.23 -8.67
CA ALA A 62 -28.30 3.63 -10.00
C ALA A 62 -28.02 2.12 -9.89
N LEU A 63 -27.15 1.74 -8.96
CA LEU A 63 -26.81 0.32 -8.79
C LEU A 63 -28.04 -0.41 -8.25
N GLU A 64 -28.72 0.24 -7.32
CA GLU A 64 -29.93 -0.35 -6.74
C GLU A 64 -30.95 -0.56 -7.85
N ARG A 65 -31.10 0.41 -8.74
CA ARG A 65 -32.09 0.25 -9.82
C ARG A 65 -31.73 -0.93 -10.72
N ARG A 66 -30.45 -1.06 -11.09
CA ARG A 66 -30.03 -2.17 -11.92
C ARG A 66 -30.26 -3.52 -11.23
N ILE A 67 -29.96 -3.59 -9.93
CA ILE A 67 -30.19 -4.84 -9.18
C ILE A 67 -31.68 -5.19 -9.17
N GLN A 69 -33.95 -4.35 -11.30
CA GLN A 69 -34.44 -4.66 -12.65
C GLN A 69 -33.72 -5.83 -13.28
N GLY A 70 -32.76 -6.42 -12.57
CA GLY A 70 -32.02 -7.56 -13.08
C GLY A 70 -31.09 -7.26 -14.22
N GLU A 71 -30.59 -6.03 -14.29
CA GLU A 71 -29.57 -5.63 -15.26
C GLU A 71 -28.16 -5.98 -14.78
N PRO A 72 -27.20 -6.01 -15.69
CA PRO A 72 -25.85 -6.49 -15.29
C PRO A 72 -25.20 -5.60 -14.26
N VAL A 73 -24.55 -6.26 -13.29
CA VAL A 73 -23.82 -5.52 -12.27
C VAL A 73 -22.42 -6.15 -12.14
N GLY A 74 -21.51 -5.40 -11.55
CA GLY A 74 -20.12 -5.82 -11.54
C GLY A 74 -19.75 -6.79 -10.42
N LEU A 76 -17.77 -6.57 -7.94
CA LEU A 76 -17.65 -6.01 -6.59
C LEU A 76 -18.87 -5.14 -6.28
N ALA A 77 -20.01 -5.48 -6.87
CA ALA A 77 -21.18 -4.61 -6.71
C ALA A 77 -21.53 -4.31 -5.25
N GLY A 78 -21.48 -3.04 -4.91
CA GLY A 78 -21.87 -2.57 -3.60
C GLY A 78 -20.75 -2.51 -2.56
N VAL A 79 -19.55 -2.97 -2.92
CA VAL A 79 -18.46 -2.96 -1.94
C VAL A 79 -17.98 -1.52 -1.78
N PRO A 80 -17.99 -0.97 -0.55
CA PRO A 80 -17.55 0.41 -0.37
C PRO A 80 -16.03 0.51 -0.25
N THR A 81 -15.44 1.56 -0.80
CA THR A 81 -13.99 1.67 -0.70
C THR A 81 -13.60 3.15 -0.84
N LEU A 82 -12.34 3.45 -0.61
CA LEU A 82 -11.82 4.81 -0.84
C LEU A 82 -10.48 4.71 -1.57
N LYS A 84 -6.65 6.59 -2.72
CA LYS A 84 -5.59 7.33 -1.99
C LYS A 84 -5.31 8.69 -2.63
N ASP A 85 -5.15 9.71 -1.79
CA ASP A 85 -4.83 11.05 -2.26
C ASP A 85 -3.31 11.23 -2.51
N LEU A 86 -2.76 10.52 -3.49
CA LEU A 86 -1.36 10.69 -3.89
C LEU A 86 -1.32 10.47 -5.39
N PHE A 87 -1.14 11.56 -6.15
CA PHE A 87 -1.34 11.55 -7.59
C PHE A 87 -2.71 10.98 -7.96
N ALA A 88 -3.69 11.25 -7.10
CA ALA A 88 -5.07 10.87 -7.38
C ALA A 88 -5.49 11.46 -8.72
N ALA A 89 -6.13 10.67 -9.58
CA ALA A 89 -6.83 11.25 -10.71
C ALA A 89 -8.22 10.64 -10.79
N LYS A 90 -9.24 11.47 -10.55
CA LYS A 90 -10.61 11.02 -10.74
C LYS A 90 -11.38 12.29 -11.09
N PRO A 91 -12.07 12.28 -12.23
CA PRO A 91 -12.62 13.56 -12.71
C PRO A 91 -13.47 14.29 -11.66
N GLY A 92 -13.19 15.57 -11.43
CA GLY A 92 -13.92 16.35 -10.45
C GLY A 92 -13.48 16.22 -9.01
N TRP A 93 -12.54 15.32 -8.72
CA TRP A 93 -12.09 15.11 -7.35
C TRP A 93 -10.79 15.87 -7.08
N PRO A 94 -10.52 16.15 -5.81
CA PRO A 94 -9.27 16.89 -5.53
C PRO A 94 -8.07 15.98 -5.70
N SER A 95 -6.89 16.59 -5.70
CA SER A 95 -5.65 15.84 -5.66
C SER A 95 -4.60 16.74 -5.03
N THR A 96 -4.20 16.46 -3.80
CA THR A 96 -3.27 17.35 -3.11
C THR A 96 -1.86 16.79 -3.00
N LEU A 97 -1.61 15.63 -3.62
CA LEU A 97 -0.30 14.96 -3.55
C LEU A 97 0.13 14.79 -2.10
N GLY A 98 -0.78 14.32 -1.27
CA GLY A 98 -0.43 14.03 0.12
C GLY A 98 -0.36 15.25 1.02
N GLY A 99 -1.32 16.17 0.84
CA GLY A 99 -1.46 17.22 1.83
C GLY A 99 -0.66 18.47 1.53
N ILE A 100 -0.50 18.79 0.25
CA ILE A 100 0.11 20.07 -0.11
C ILE A 100 -0.98 21.13 -0.15
N ARG A 101 -0.94 22.04 0.83
CA ARG A 101 -2.02 23.02 1.01
C ARG A 101 -2.25 23.85 -0.26
N ALA A 102 -1.17 24.17 -0.99
CA ALA A 102 -1.29 25.00 -2.18
C ALA A 102 -2.14 24.33 -3.26
N LEU A 103 -2.32 23.02 -3.16
CA LEU A 103 -3.09 22.28 -4.18
C LEU A 103 -4.53 22.01 -3.76
N LYS A 104 -4.98 22.61 -2.66
CA LYS A 104 -6.28 22.23 -2.09
C LYS A 104 -7.46 22.51 -3.03
N ASP A 105 -7.30 23.43 -3.99
CA ASP A 105 -8.37 23.78 -4.93
C ASP A 105 -8.28 23.05 -6.27
N ALA A 106 -7.25 22.21 -6.44
CA ALA A 106 -7.07 21.49 -7.69
C ALA A 106 -8.22 20.49 -7.85
N ARG A 107 -8.70 20.28 -9.08
CA ARG A 107 -9.67 19.23 -9.35
C ARG A 107 -9.30 18.47 -10.61
N GLY A 108 -9.52 17.16 -10.61
CA GLY A 108 -9.13 16.33 -11.73
C GLY A 108 -9.87 16.69 -13.00
N ALA A 109 -9.11 16.76 -14.09
CA ALA A 109 -9.68 17.06 -15.41
C ALA A 109 -10.53 15.92 -15.94
N ALA A 110 -11.42 16.23 -16.88
CA ALA A 110 -12.26 15.20 -17.44
C ALA A 110 -11.44 14.08 -18.10
N GLY A 111 -11.90 12.84 -17.95
CA GLY A 111 -11.37 11.73 -18.70
C GLY A 111 -10.02 11.18 -18.24
N VAL A 112 -9.44 11.79 -17.19
CA VAL A 112 -8.14 11.35 -16.63
C VAL A 112 -8.36 10.54 -15.32
N TRP A 113 -7.85 9.31 -15.28
CA TRP A 113 -8.11 8.41 -14.14
C TRP A 113 -6.86 7.73 -13.67
N SER A 114 -6.73 7.55 -12.36
CA SER A 114 -5.74 6.61 -11.85
C SER A 114 -6.42 5.24 -11.73
N THR A 115 -5.64 4.17 -11.58
CA THR A 115 -6.17 2.83 -11.85
C THR A 115 -7.20 2.36 -10.84
N TYR A 116 -6.91 2.53 -9.56
CA TYR A 116 -7.83 1.98 -8.55
C TYR A 116 -9.29 2.54 -8.69
N PRO A 117 -9.49 3.88 -8.70
CA PRO A 117 -10.88 4.36 -8.82
C PRO A 117 -11.56 3.91 -10.13
N LEU A 118 -10.80 3.90 -11.23
CA LEU A 118 -11.36 3.53 -12.53
C LEU A 118 -11.83 2.08 -12.48
N LYS A 119 -10.93 1.16 -12.12
CA LYS A 119 -11.27 -0.25 -12.26
C LYS A 119 -12.20 -0.73 -11.16
N SER A 121 -14.56 1.13 -9.54
CA SER A 121 -15.90 1.62 -9.88
C SER A 121 -16.46 0.91 -11.12
N GLY A 122 -15.58 0.53 -12.04
CA GLY A 122 -15.96 -0.24 -13.21
C GLY A 122 -16.67 -1.55 -12.90
N GLU A 123 -16.34 -2.18 -11.78
CA GLU A 123 -16.99 -3.40 -11.34
C GLU A 123 -17.94 -3.13 -10.16
N ASP A 124 -18.42 -1.89 -10.11
CA ASP A 124 -19.48 -1.46 -9.20
C ASP A 124 -19.14 -1.41 -7.72
N SER A 125 -17.84 -1.34 -7.40
CA SER A 125 -17.47 -0.90 -6.07
C SER A 125 -17.84 0.59 -5.96
N LEU A 126 -18.23 1.00 -4.77
CA LEU A 126 -18.71 2.39 -4.53
C LEU A 126 -17.59 3.20 -3.85
N LEU A 127 -17.13 4.24 -4.51
CA LEU A 127 -16.05 5.07 -3.99
C LEU A 127 -16.60 6.17 -3.09
N LEU A 128 -16.15 6.17 -1.85
CA LEU A 128 -16.70 7.09 -0.85
C LEU A 128 -15.83 8.34 -0.65
N GLY A 129 -14.62 8.35 -1.21
CA GLY A 129 -13.70 9.47 -0.98
C GLY A 129 -12.23 9.09 -1.10
N GLN A 130 -11.35 9.88 -0.48
CA GLN A 130 -9.89 9.66 -0.58
C GLN A 130 -9.26 9.59 0.80
N THR A 131 -8.13 8.89 0.87
CA THR A 131 -7.40 8.71 2.12
C THR A 131 -6.08 9.46 2.16
N ASN A 132 -5.60 9.74 3.37
CA ASN A 132 -4.42 10.59 3.60
C ASN A 132 -3.10 9.92 3.20
N SER A 133 -2.16 10.73 2.72
CA SER A 133 -0.80 10.33 2.38
C SER A 133 0.13 11.46 2.86
N PRO A 134 1.41 11.15 3.17
CA PRO A 134 2.43 12.18 3.35
C PRO A 134 2.73 12.88 2.03
N VAL A 135 3.31 14.06 2.11
CA VAL A 135 3.57 14.88 0.94
C VAL A 135 4.41 14.11 -0.07
N TYR A 136 3.92 14.06 -1.31
CA TYR A 136 4.61 13.39 -2.41
C TYR A 136 4.94 11.92 -2.10
N GLY A 137 4.22 11.33 -1.14
CA GLY A 137 4.48 9.95 -0.75
C GLY A 137 5.86 9.72 -0.12
N PHE A 138 6.56 10.80 0.26
CA PHE A 138 8.02 10.69 0.44
C PHE A 138 8.39 10.34 1.89
N ARG A 139 7.77 9.27 2.40
CA ARG A 139 8.16 8.66 3.69
C ARG A 139 7.21 7.51 4.00
N GLY A 140 7.65 6.63 4.89
CA GLY A 140 6.88 5.46 5.30
C GLY A 140 5.96 5.71 6.50
N THR A 141 5.69 6.98 6.77
CA THR A 141 4.68 7.37 7.76
C THR A 141 3.65 8.23 7.03
N THR A 142 2.50 8.41 7.65
CA THR A 142 1.49 9.30 7.09
C THR A 142 1.22 10.51 7.99
N ASP A 143 1.65 11.66 7.50
CA ASP A 143 1.49 12.93 8.20
C ASP A 143 1.83 14.01 7.22
N ASN A 144 1.27 15.20 7.43
CA ASN A 144 1.63 16.33 6.62
C ASN A 144 1.08 17.55 7.36
N THR A 145 1.43 18.73 6.92
CA THR A 145 1.02 19.94 7.66
C THR A 145 -0.33 20.49 7.26
N PHE A 146 -1.06 19.82 6.37
CA PHE A 146 -2.37 20.33 5.94
C PHE A 146 -3.48 19.49 6.57
N PHE A 147 -3.41 18.17 6.41
CA PHE A 147 -4.40 17.29 7.04
C PHE A 147 -3.95 16.73 8.38
N GLY A 148 -2.63 16.59 8.56
CA GLY A 148 -2.12 16.04 9.81
C GLY A 148 -1.86 14.53 9.77
N PRO A 149 -1.57 13.94 10.93
CA PRO A 149 -1.18 12.53 10.94
C PRO A 149 -2.34 11.54 10.89
N THR A 150 -2.17 10.44 10.16
CA THR A 150 -3.14 9.36 10.24
C THR A 150 -2.69 8.36 11.31
N ARG A 151 -3.57 8.12 12.27
CA ARG A 151 -3.25 7.38 13.50
C ARG A 151 -3.62 5.91 13.44
N ASN A 152 -2.91 5.12 14.25
CA ASN A 152 -3.02 3.68 14.22
C ASN A 152 -4.21 3.19 15.04
N PRO A 153 -5.16 2.45 14.41
CA PRO A 153 -6.31 1.96 15.19
C PRO A 153 -5.91 1.07 16.35
N PHE A 154 -4.69 0.52 16.33
CA PHE A 154 -4.26 -0.31 17.47
C PHE A 154 -3.80 0.52 18.68
N ASN A 155 -3.47 1.78 18.43
CA ASN A 155 -3.10 2.72 19.48
C ASN A 155 -2.92 4.08 18.84
N LEU A 156 -3.89 4.99 19.05
CA LEU A 156 -3.86 6.27 18.33
C LEU A 156 -2.68 7.17 18.65
N ASP A 157 -1.88 6.85 19.67
CA ASP A 157 -0.66 7.61 19.93
C ASP A 157 0.40 7.32 18.87
N PHE A 158 0.17 6.26 18.11
CA PHE A 158 1.14 5.80 17.09
C PHE A 158 0.61 6.05 15.69
N ASN A 159 1.53 6.08 14.74
CA ASN A 159 1.19 6.38 13.34
C ASN A 159 0.76 5.10 12.63
N ALA A 160 -0.10 5.25 11.60
CA ALA A 160 -0.60 4.13 10.84
C ALA A 160 0.45 3.60 9.87
N GLY A 161 1.53 4.36 9.70
CA GLY A 161 2.50 4.08 8.66
C GLY A 161 2.05 4.75 7.37
N GLY A 162 2.82 4.57 6.29
CA GLY A 162 2.57 5.31 5.06
C GLY A 162 3.41 4.69 3.93
N SER A 163 3.27 5.24 2.71
CA SER A 163 2.46 6.43 2.47
C SER A 163 0.94 6.20 2.37
N SER A 164 0.48 4.95 2.28
CA SER A 164 -0.96 4.69 2.21
C SER A 164 -1.56 4.50 3.61
N GLY A 165 -1.30 5.44 4.51
CA GLY A 165 -1.70 5.25 5.90
C GLY A 165 -3.21 5.34 6.10
N GLY A 166 -3.85 6.30 5.43
CA GLY A 166 -5.30 6.39 5.55
C GLY A 166 -6.01 5.14 5.05
N ALA A 167 -5.51 4.57 3.96
CA ALA A 167 -6.07 3.33 3.41
C ALA A 167 -6.03 2.21 4.46
N ALA A 168 -4.84 2.00 5.02
CA ALA A 168 -4.68 0.90 5.95
C ALA A 168 -5.50 1.14 7.24
N ALA A 169 -5.52 2.37 7.73
CA ALA A 169 -6.21 2.67 8.99
C ALA A 169 -7.72 2.40 8.85
N LEU A 170 -8.32 2.79 7.73
CA LEU A 170 -9.74 2.49 7.55
C LEU A 170 -10.00 1.00 7.52
N VAL A 171 -9.15 0.24 6.83
CA VAL A 171 -9.35 -1.21 6.75
C VAL A 171 -9.10 -1.86 8.11
N ALA A 172 -8.06 -1.42 8.82
CA ALA A 172 -7.74 -2.02 10.11
C ALA A 172 -8.79 -1.71 11.17
N ASP A 173 -9.54 -0.63 10.96
CA ASP A 173 -10.57 -0.21 11.92
C ASP A 173 -11.94 -0.76 11.51
N GLY A 174 -11.98 -1.57 10.44
CA GLY A 174 -13.20 -2.24 10.07
C GLY A 174 -14.17 -1.41 9.20
N ILE A 175 -13.73 -0.23 8.78
CA ILE A 175 -14.65 0.77 8.21
C ILE A 175 -14.99 0.46 6.76
N VAL A 176 -14.02 0.01 5.98
CA VAL A 176 -14.27 -0.56 4.67
C VAL A 176 -13.43 -1.84 4.56
N PRO A 177 -13.85 -2.79 3.71
CA PRO A 177 -13.11 -4.07 3.66
C PRO A 177 -11.88 -4.03 2.77
N VAL A 178 -11.78 -3.04 1.90
CA VAL A 178 -10.64 -2.93 0.98
C VAL A 178 -10.42 -1.44 0.74
N ALA A 179 -9.16 -1.02 0.60
CA ALA A 179 -8.87 0.37 0.26
C ALA A 179 -7.67 0.37 -0.71
N GLY A 180 -7.59 1.37 -1.56
CA GLY A 180 -6.50 1.43 -2.53
C GLY A 180 -5.23 2.04 -1.97
N GLY A 181 -4.11 1.37 -2.24
CA GLY A 181 -2.82 1.89 -1.87
C GLY A 181 -1.97 2.07 -3.11
N THR A 182 -0.89 2.84 -2.95
CA THR A 182 0.10 2.93 -4.02
C THR A 182 1.45 2.67 -3.40
N ASP A 183 2.43 2.31 -4.22
CA ASP A 183 3.66 1.74 -3.64
C ASP A 183 4.85 2.01 -4.59
N GLY A 184 5.79 2.86 -4.13
CA GLY A 184 7.00 3.20 -4.88
C GLY A 184 8.24 2.79 -4.03
N GLY A 185 8.06 2.65 -2.72
CA GLY A 185 9.12 2.16 -1.82
C GLY A 185 8.56 1.21 -0.79
N GLY A 186 7.32 0.77 -1.01
CA GLY A 186 6.71 -0.15 -0.07
C GLY A 186 5.32 0.21 0.39
N SER A 187 4.72 1.26 -0.16
CA SER A 187 3.61 1.88 0.55
C SER A 187 2.23 1.22 0.54
N ILE A 188 2.06 0.12 -0.19
CA ILE A 188 0.89 -0.75 0.04
C ILE A 188 1.14 -1.60 1.29
N ARG A 189 2.41 -1.93 1.49
CA ARG A 189 2.83 -2.97 2.42
C ARG A 189 3.23 -2.40 3.79
N ILE A 190 3.88 -1.24 3.78
CA ILE A 190 4.38 -0.60 5.01
C ILE A 190 3.23 -0.35 6.02
N PRO A 191 2.16 0.34 5.60
CA PRO A 191 1.12 0.58 6.60
C PRO A 191 0.31 -0.65 6.89
N ALA A 192 0.23 -1.60 5.94
CA ALA A 192 -0.43 -2.87 6.26
C ALA A 192 0.28 -3.56 7.44
N ALA A 193 1.63 -3.60 7.37
CA ALA A 193 2.45 -4.26 8.40
C ALA A 193 2.17 -3.62 9.77
N TRP A 194 2.12 -2.29 9.82
CA TRP A 194 1.88 -1.64 11.11
C TRP A 194 0.43 -1.68 11.60
N THR A 195 -0.51 -2.15 10.78
CA THR A 195 -1.95 -2.14 11.16
C THR A 195 -2.65 -3.49 11.10
N ASN A 196 -1.87 -4.58 11.03
CA ASN A 196 -2.48 -5.92 11.06
C ASN A 196 -3.39 -6.12 9.86
N THR A 197 -3.04 -5.51 8.72
CA THR A 197 -3.82 -5.75 7.50
C THR A 197 -2.94 -6.38 6.42
N TYR A 198 -3.61 -6.91 5.41
CA TYR A 198 -2.92 -7.61 4.32
C TYR A 198 -2.71 -6.65 3.17
N GLY A 199 -1.46 -6.44 2.75
CA GLY A 199 -1.19 -5.49 1.70
C GLY A 199 -0.58 -6.22 0.53
N PHE A 200 -1.23 -6.16 -0.64
CA PHE A 200 -0.77 -6.95 -1.80
C PHE A 200 -0.14 -6.03 -2.87
N GLN A 201 1.17 -6.20 -3.10
CA GLN A 201 1.92 -5.42 -4.11
C GLN A 201 2.15 -6.33 -5.33
N PRO A 202 1.45 -6.06 -6.42
CA PRO A 202 1.50 -6.99 -7.57
C PRO A 202 2.81 -6.93 -8.34
N SER A 203 3.04 -7.94 -9.18
CA SER A 203 4.19 -7.92 -10.08
C SER A 203 4.16 -6.67 -10.93
N ILE A 204 5.32 -6.15 -11.34
CA ILE A 204 5.29 -5.04 -12.27
C ILE A 204 4.53 -5.47 -13.57
N GLY A 205 3.66 -4.57 -14.06
CA GLY A 205 2.85 -4.86 -15.24
C GLY A 205 1.56 -5.59 -14.99
N ARG A 206 1.35 -6.11 -13.78
CA ARG A 206 0.14 -6.87 -13.46
C ARG A 206 -1.08 -5.96 -13.37
N VAL A 207 -0.96 -4.85 -12.65
CA VAL A 207 -2.02 -3.82 -12.58
C VAL A 207 -1.50 -2.56 -13.31
N PRO A 208 -2.31 -1.99 -14.21
CA PRO A 208 -1.81 -0.83 -14.96
C PRO A 208 -1.39 0.30 -14.03
N PHE A 209 -0.32 1.01 -14.38
CA PHE A 209 0.03 2.23 -13.66
C PHE A 209 0.22 3.31 -14.71
N LYS A 210 -0.51 4.42 -14.57
CA LYS A 210 -0.46 5.48 -15.57
C LYS A 210 0.45 6.59 -15.05
N SER A 211 1.61 6.70 -15.67
CA SER A 211 2.55 7.78 -15.39
C SER A 211 2.59 8.70 -16.61
N ARG A 212 2.05 9.89 -16.50
CA ARG A 212 2.13 10.89 -17.60
C ARG A 212 2.44 12.22 -16.95
N PRO A 213 3.13 13.13 -17.67
CA PRO A 213 3.45 13.03 -19.09
C PRO A 213 4.63 12.15 -19.43
N ASN A 214 5.37 11.63 -18.46
CA ASN A 214 6.52 10.82 -18.79
C ASN A 214 6.33 9.35 -18.35
N ALA A 215 6.08 8.45 -19.32
CA ALA A 215 5.89 7.02 -19.02
C ALA A 215 7.21 6.27 -18.83
N PHE A 216 8.29 6.93 -19.22
CA PHE A 216 9.62 6.34 -19.18
C PHE A 216 10.47 7.10 -18.16
N HIS A 217 9.84 7.45 -17.04
CA HIS A 217 10.55 8.11 -15.95
C HIS A 217 11.58 7.22 -15.28
N PRO A 218 12.52 7.86 -14.59
CA PRO A 218 13.66 7.15 -14.01
C PRO A 218 13.43 6.67 -12.58
N GLY A 219 12.17 6.63 -12.13
CA GLY A 219 11.91 6.22 -10.76
C GLY A 219 11.91 4.70 -10.59
N PRO A 220 11.70 4.23 -9.37
CA PRO A 220 11.53 2.79 -9.14
C PRO A 220 10.22 2.29 -9.74
N TYR A 221 10.01 0.99 -9.69
CA TYR A 221 8.70 0.48 -10.10
C TYR A 221 7.61 1.03 -9.16
N LEU A 222 6.47 1.43 -9.73
CA LEU A 222 5.35 1.97 -8.96
C LEU A 222 4.15 1.05 -9.18
N TYR A 223 3.39 0.83 -8.12
CA TYR A 223 2.28 -0.10 -8.17
C TYR A 223 1.04 0.48 -7.50
N GLU A 224 -0.15 0.10 -8.00
CA GLU A 224 -1.38 0.25 -7.23
C GLU A 224 -1.87 -1.12 -6.80
N GLY A 225 -2.45 -1.20 -5.62
CA GLY A 225 -2.97 -2.49 -5.15
C GLY A 225 -3.80 -2.33 -3.89
N PRO A 226 -4.41 -3.43 -3.46
CA PRO A 226 -5.37 -3.42 -2.36
C PRO A 226 -4.74 -3.65 -0.98
N ILE A 227 -5.35 -3.01 0.03
CA ILE A 227 -5.13 -3.37 1.43
C ILE A 227 -6.45 -3.93 1.96
N THR A 228 -6.42 -5.12 2.58
CA THR A 228 -7.65 -5.80 2.99
C THR A 228 -7.44 -6.44 4.37
N ARG A 229 -8.47 -7.08 4.92
CA ARG A 229 -8.29 -7.84 6.16
C ARG A 229 -8.16 -9.32 5.87
N THR A 230 -8.62 -9.76 4.69
CA THR A 230 -8.50 -11.17 4.31
C THR A 230 -7.79 -11.33 2.98
N VAL A 231 -7.17 -12.48 2.80
CA VAL A 231 -6.48 -12.74 1.56
C VAL A 231 -7.51 -12.92 0.44
N ARG A 232 -8.65 -13.55 0.74
CA ARG A 232 -9.71 -13.72 -0.26
C ARG A 232 -10.16 -12.34 -0.80
N ASP A 233 -10.32 -11.35 0.07
CA ASP A 233 -10.79 -10.06 -0.44
C ASP A 233 -9.73 -9.45 -1.35
N ALA A 234 -8.47 -9.69 -1.03
CA ALA A 234 -7.41 -9.14 -1.89
C ALA A 234 -7.43 -9.83 -3.24
N ALA A 235 -7.68 -11.14 -3.24
CA ALA A 235 -7.76 -11.86 -4.50
C ALA A 235 -8.94 -11.35 -5.32
N LEU A 236 -10.07 -11.09 -4.68
CA LEU A 236 -11.23 -10.56 -5.40
C LEU A 236 -10.87 -9.16 -6.02
N ALA A 237 -10.26 -8.29 -5.21
CA ALA A 237 -9.86 -6.98 -5.69
C ALA A 237 -8.83 -7.11 -6.83
N ASN A 239 -8.57 -9.56 -8.95
CA ASN A 239 -9.27 -9.98 -10.17
C ASN A 239 -9.85 -8.79 -10.94
N VAL A 240 -10.24 -7.75 -10.21
CA VAL A 240 -10.71 -6.52 -10.84
C VAL A 240 -9.55 -5.65 -11.33
N LEU A 241 -8.52 -5.51 -10.50
CA LEU A 241 -7.48 -4.50 -10.76
C LEU A 241 -6.52 -4.94 -11.85
N HIS A 242 -6.17 -6.21 -11.91
CA HIS A 242 -5.12 -6.62 -12.86
C HIS A 242 -5.66 -6.60 -14.30
N GLY A 243 -4.73 -6.56 -15.25
CA GLY A 243 -5.06 -6.78 -16.64
C GLY A 243 -4.40 -5.81 -17.61
N PHE A 244 -4.32 -6.23 -18.85
CA PHE A 244 -3.63 -5.51 -19.91
C PHE A 244 -4.17 -4.08 -20.10
N ASP A 245 -3.24 -3.13 -20.27
CA ASP A 245 -3.59 -1.80 -20.75
C ASP A 245 -2.40 -1.34 -21.57
N ARG A 246 -2.61 -1.16 -22.89
CA ARG A 246 -1.50 -0.84 -23.76
C ARG A 246 -0.79 0.46 -23.37
N ARG A 247 -1.47 1.33 -22.61
CA ARG A 247 -0.85 2.59 -22.18
C ARG A 247 0.14 2.50 -21.02
N ASP A 248 0.33 1.31 -20.44
CA ASP A 248 1.36 1.15 -19.42
C ASP A 248 2.46 0.32 -20.07
N PRO A 249 3.63 0.91 -20.25
CA PRO A 249 4.64 0.22 -21.06
C PRO A 249 5.24 -1.02 -20.37
N ALA A 250 4.86 -1.33 -19.15
CA ALA A 250 5.23 -2.60 -18.56
C ALA A 250 4.09 -3.63 -18.60
N SER A 251 2.94 -3.24 -19.15
CA SER A 251 1.72 -4.04 -18.96
C SER A 251 1.88 -5.46 -19.50
N LEU A 252 1.37 -6.43 -18.72
CA LEU A 252 1.36 -7.82 -19.13
C LEU A 252 0.03 -8.20 -19.78
N ARG A 253 0.07 -8.87 -20.92
CA ARG A 253 -1.18 -9.21 -21.59
C ARG A 253 -1.58 -10.63 -21.14
N VAL A 254 -1.92 -10.74 -19.87
CA VAL A 254 -2.34 -12.05 -19.33
C VAL A 254 -3.49 -11.86 -18.37
N LYS A 255 -4.35 -12.88 -18.33
CA LYS A 255 -5.52 -12.88 -17.47
C LYS A 255 -5.37 -14.01 -16.47
N LEU A 256 -5.58 -13.68 -15.19
CA LEU A 256 -5.44 -14.66 -14.11
C LEU A 256 -6.72 -14.69 -13.28
N ASP A 257 -6.93 -15.79 -12.55
CA ASP A 257 -7.96 -15.80 -11.54
C ASP A 257 -7.24 -15.95 -10.20
N PHE A 258 -7.11 -14.84 -9.48
CA PHE A 258 -6.39 -14.84 -8.23
C PHE A 258 -7.05 -15.73 -7.19
N THR A 259 -8.38 -15.92 -7.28
CA THR A 259 -9.04 -16.75 -6.27
C THR A 259 -8.68 -18.22 -6.42
N SER A 260 -8.17 -18.60 -7.58
CA SER A 260 -7.84 -20.00 -7.84
C SER A 260 -6.68 -20.48 -6.97
N ALA A 261 -5.89 -19.54 -6.46
CA ALA A 261 -4.72 -19.87 -5.65
C ALA A 261 -5.02 -19.98 -4.15
N LEU A 262 -6.21 -19.54 -3.72
CA LEU A 262 -6.51 -19.49 -2.28
C LEU A 262 -6.40 -20.85 -1.60
N ALA A 263 -6.84 -21.90 -2.27
CA ALA A 263 -6.83 -23.23 -1.64
C ALA A 263 -5.64 -24.11 -2.01
N GLN A 264 -4.65 -23.53 -2.69
CA GLN A 264 -3.58 -24.32 -3.28
C GLN A 264 -2.62 -24.91 -2.24
N GLY A 265 -2.38 -24.19 -1.15
CA GLY A 265 -1.41 -24.63 -0.15
C GLY A 265 0.03 -24.41 -0.60
N VAL A 266 1.00 -24.89 0.21
CA VAL A 266 2.41 -24.65 -0.09
C VAL A 266 3.21 -25.96 0.05
N ARG A 267 2.52 -27.09 0.01
CA ARG A 267 3.19 -28.36 0.20
C ARG A 267 4.26 -28.54 -0.87
N GLY A 268 5.48 -28.86 -0.43
CA GLY A 268 6.59 -29.13 -1.33
C GLY A 268 7.34 -27.89 -1.77
N LYS A 269 6.84 -26.70 -1.44
CA LYS A 269 7.54 -25.49 -1.86
C LYS A 269 8.83 -25.31 -1.12
N LYS A 270 9.80 -24.69 -1.78
CA LYS A 270 11.12 -24.41 -1.20
C LYS A 270 11.15 -22.95 -0.88
N ILE A 271 11.30 -22.63 0.39
CA ILE A 271 11.10 -21.27 0.84
C ILE A 271 12.39 -20.77 1.46
N GLY A 272 12.88 -19.62 1.00
CA GLY A 272 14.04 -19.01 1.62
C GLY A 272 13.61 -18.00 2.66
N LEU A 273 14.43 -17.83 3.71
CA LEU A 273 14.08 -16.93 4.83
C LEU A 273 15.27 -16.00 5.09
N THR A 274 15.00 -14.70 5.23
CA THR A 274 16.03 -13.76 5.71
C THR A 274 15.42 -12.88 6.78
N LEU A 275 16.17 -12.57 7.84
CA LEU A 275 15.63 -11.67 8.85
C LEU A 275 16.02 -10.21 8.65
N ASN A 276 16.89 -9.91 7.69
CA ASN A 276 17.33 -8.55 7.49
C ASN A 276 17.96 -8.31 6.13
N TYR A 277 17.74 -9.24 5.20
CA TYR A 277 18.34 -9.19 3.85
C TYR A 277 19.85 -9.02 3.90
N GLY A 278 20.44 -9.41 5.04
CA GLY A 278 21.88 -9.33 5.22
C GLY A 278 22.46 -7.93 5.37
N VAL A 279 21.64 -6.90 5.24
CA VAL A 279 22.16 -5.53 5.23
C VAL A 279 21.41 -4.54 6.14
N PHE A 280 20.20 -4.86 6.60
CA PHE A 280 19.46 -3.89 7.43
C PHE A 280 19.59 -4.19 8.93
N PRO A 281 19.60 -3.12 9.75
CA PRO A 281 19.44 -3.32 11.20
C PRO A 281 17.96 -3.53 11.52
N VAL A 282 17.60 -4.64 12.15
CA VAL A 282 16.20 -4.95 12.38
C VAL A 282 15.97 -5.18 13.85
N GLN A 283 14.93 -4.58 14.41
CA GLN A 283 14.65 -4.77 15.84
C GLN A 283 14.56 -6.26 16.17
N GLN A 284 15.25 -6.68 17.23
CA GLN A 284 15.34 -8.08 17.51
C GLN A 284 13.97 -8.75 17.69
N GLU A 285 13.02 -8.06 18.32
CA GLU A 285 11.70 -8.64 18.54
C GLU A 285 10.99 -8.99 17.20
N ILE A 286 11.24 -8.16 16.21
CA ILE A 286 10.68 -8.39 14.87
C ILE A 286 11.37 -9.59 14.23
N GLN A 287 12.70 -9.65 14.33
CA GLN A 287 13.41 -10.84 13.84
C GLN A 287 12.86 -12.12 14.47
N ASP A 288 12.69 -12.12 15.78
CA ASP A 288 12.19 -13.32 16.44
C ASP A 288 10.78 -13.71 15.99
N LEU A 289 9.93 -12.71 15.81
CA LEU A 289 8.55 -12.97 15.42
C LEU A 289 8.53 -13.58 14.04
N ILE A 290 9.38 -13.10 13.14
CA ILE A 290 9.41 -13.63 11.78
C ILE A 290 10.01 -15.05 11.74
N GLY A 291 11.00 -15.31 12.60
CA GLY A 291 11.53 -16.65 12.70
C GLY A 291 10.44 -17.64 13.08
N LYS A 292 9.56 -17.20 13.99
CA LYS A 292 8.45 -18.04 14.43
C LYS A 292 7.45 -18.20 13.29
N ALA A 293 7.12 -17.10 12.63
CA ALA A 293 6.12 -17.15 11.55
C ALA A 293 6.56 -18.06 10.43
N ALA A 294 7.85 -18.04 10.10
CA ALA A 294 8.36 -18.87 9.03
C ALA A 294 8.12 -20.34 9.29
N ARG A 295 8.13 -20.73 10.56
CA ARG A 295 7.97 -22.12 10.93
C ARG A 295 6.55 -22.59 10.69
N VAL A 296 5.62 -21.66 10.55
CA VAL A 296 4.25 -22.05 10.23
C VAL A 296 4.27 -22.81 8.91
N PHE A 297 5.12 -22.39 7.99
CA PHE A 297 5.16 -23.02 6.68
C PHE A 297 5.75 -24.43 6.71
N THR A 298 6.68 -24.67 7.64
CA THR A 298 7.28 -26.00 7.71
C THR A 298 6.21 -27.00 8.16
N GLU A 299 5.26 -26.57 8.98
CA GLU A 299 4.17 -27.46 9.40
C GLU A 299 3.17 -27.73 8.29
N LEU A 300 3.13 -26.86 7.28
CA LEU A 300 2.26 -27.08 6.15
C LEU A 300 2.91 -27.85 5.01
N GLY A 301 4.09 -28.40 5.24
CA GLY A 301 4.72 -29.22 4.23
C GLY A 301 5.67 -28.48 3.31
N ALA A 302 5.99 -27.23 3.60
CA ALA A 302 7.04 -26.54 2.85
C ALA A 302 8.40 -26.76 3.51
N HIS A 303 9.47 -26.49 2.76
CA HIS A 303 10.82 -26.59 3.31
C HIS A 303 11.37 -25.19 3.40
N VAL A 304 11.75 -24.78 4.61
CA VAL A 304 12.20 -23.40 4.83
C VAL A 304 13.66 -23.45 5.25
N GLU A 305 14.49 -22.58 4.67
CA GLU A 305 15.88 -22.45 5.15
C GLU A 305 16.35 -21.00 5.02
N PHE A 306 17.28 -20.59 5.87
CA PHE A 306 17.89 -19.28 5.75
C PHE A 306 18.68 -19.12 4.46
N VAL A 307 18.54 -17.94 3.83
CA VAL A 307 19.29 -17.62 2.63
C VAL A 307 20.04 -16.30 2.79
N ASP A 308 21.12 -16.16 2.05
CA ASP A 308 21.90 -14.92 2.01
C ASP A 308 21.79 -14.33 0.59
N LEU A 309 21.12 -13.19 0.46
CA LEU A 309 21.00 -12.55 -0.84
C LEU A 309 22.32 -12.06 -1.40
N GLY A 310 23.29 -11.79 -0.52
CA GLY A 310 24.58 -11.30 -0.98
C GLY A 310 24.59 -9.89 -1.57
N ILE A 311 23.72 -9.03 -1.07
CA ILE A 311 23.67 -7.64 -1.55
C ILE A 311 24.99 -6.92 -1.16
N PRO A 312 25.73 -6.39 -2.15
CA PRO A 312 27.06 -5.83 -1.83
C PRO A 312 27.07 -4.34 -1.51
N TYR A 313 25.90 -3.74 -1.56
CA TYR A 313 25.74 -2.34 -1.19
C TYR A 313 25.30 -2.23 0.27
N SER A 314 25.63 -1.13 0.93
CA SER A 314 25.09 -0.90 2.26
C SER A 314 23.64 -0.43 2.18
N GLN A 315 22.90 -0.59 3.26
CA GLN A 315 21.53 -0.09 3.26
C GLN A 315 21.42 1.44 3.07
N LYS A 316 22.38 2.22 3.56
CA LYS A 316 22.40 3.65 3.25
C LYS A 316 22.60 3.90 1.78
N GLN A 317 23.49 3.15 1.13
CA GLN A 317 23.68 3.36 -0.31
C GLN A 317 22.37 3.10 -1.06
N SER A 319 19.11 3.17 0.16
CA SER A 319 18.09 4.16 0.43
C SER A 319 18.39 5.50 -0.23
N ASP A 320 19.66 5.90 -0.25
CA ASP A 320 20.01 7.13 -0.96
C ASP A 320 19.65 7.03 -2.46
N ALA A 321 19.94 5.88 -3.08
CA ALA A 321 19.62 5.68 -4.50
C ALA A 321 18.12 5.73 -4.69
N TRP A 322 17.37 5.07 -3.81
CA TRP A 322 15.88 5.15 -3.89
C TRP A 322 15.38 6.58 -3.81
N CYS A 323 15.91 7.35 -2.85
CA CYS A 323 15.48 8.74 -2.71
C CYS A 323 15.78 9.55 -3.95
N ARG A 324 16.96 9.37 -4.54
CA ARG A 324 17.24 10.09 -5.76
C ARG A 324 16.31 9.68 -6.91
N ILE A 326 13.22 8.50 -6.80
CA ILE A 326 11.88 9.07 -6.58
C ILE A 326 11.89 10.58 -6.76
N ALA A 327 12.99 11.19 -6.35
CA ALA A 327 13.08 12.65 -6.37
C ALA A 327 13.04 13.20 -7.82
N ILE A 328 13.59 12.49 -8.81
CA ILE A 328 13.65 13.05 -10.15
C ILE A 328 12.25 13.35 -10.70
N PRO A 329 11.35 12.36 -10.68
CA PRO A 329 9.99 12.72 -11.12
C PRO A 329 9.26 13.65 -10.16
N THR A 330 9.65 13.68 -8.89
CA THR A 330 9.03 14.63 -7.97
C THR A 330 9.41 16.04 -8.38
N VAL A 331 10.67 16.24 -8.76
CA VAL A 331 11.11 17.57 -9.21
C VAL A 331 10.35 17.93 -10.47
N ALA A 332 10.16 16.98 -11.39
CA ALA A 332 9.42 17.28 -12.61
C ALA A 332 8.00 17.73 -12.29
N SER A 333 7.35 17.08 -11.34
CA SER A 333 6.02 17.52 -10.89
C SER A 333 6.07 18.96 -10.35
N GLN A 335 8.26 21.32 -10.94
CA GLN A 335 8.57 22.26 -12.02
C GLN A 335 7.30 22.51 -12.86
N ALA A 336 6.55 21.45 -13.17
CA ALA A 336 5.32 21.60 -13.96
C ALA A 336 4.28 22.44 -13.20
N LEU A 337 4.12 22.19 -11.91
CA LEU A 337 3.16 22.95 -11.10
C LEU A 337 3.54 24.43 -11.10
N ARG A 338 4.84 24.72 -10.96
CA ARG A 338 5.28 26.11 -10.94
C ARG A 338 4.92 26.79 -12.25
N LYS A 339 5.13 26.07 -13.36
CA LYS A 339 4.79 26.61 -14.68
C LYS A 339 3.30 26.92 -14.78
N GLU A 340 2.48 26.12 -14.09
CA GLU A 340 1.05 26.31 -14.06
C GLU A 340 0.60 27.35 -13.02
N GLY A 341 1.55 27.95 -12.31
CA GLY A 341 1.24 29.01 -11.37
C GLY A 341 1.13 28.60 -9.90
N ILE A 342 1.56 27.40 -9.55
CA ILE A 342 1.59 27.02 -8.15
C ILE A 342 3.03 26.71 -7.77
N ASP A 343 3.67 27.65 -7.09
CA ASP A 343 5.14 27.62 -6.94
C ASP A 343 5.52 27.11 -5.56
N LEU A 344 5.96 25.85 -5.52
CA LEU A 344 6.35 25.17 -4.28
C LEU A 344 7.82 25.39 -3.97
N TYR A 345 8.55 26.04 -4.87
CA TYR A 345 9.92 26.42 -4.58
C TYR A 345 9.98 27.76 -3.84
N GLY A 346 9.01 28.62 -4.13
CA GLY A 346 9.01 29.98 -3.61
C GLY A 346 7.85 30.26 -2.67
N GLU A 347 6.79 30.86 -3.20
CA GLU A 347 5.66 31.28 -2.38
C GLU A 347 5.18 30.20 -1.40
N HIS A 348 5.08 28.96 -1.87
CA HIS A 348 4.46 27.90 -1.08
C HIS A 348 5.51 26.88 -0.61
N ARG A 349 6.75 27.34 -0.51
CA ARG A 349 7.85 26.54 0.01
C ARG A 349 7.53 25.81 1.32
N ALA A 350 6.78 26.45 2.21
CA ALA A 350 6.53 25.86 3.53
C ALA A 350 5.73 24.56 3.41
N ASP A 351 5.07 24.35 2.27
CA ASP A 351 4.23 23.15 2.11
C ASP A 351 5.06 21.87 1.87
N ILE A 352 6.35 22.05 1.57
CA ILE A 352 7.24 20.93 1.34
C ILE A 352 8.13 20.70 2.56
N PRO A 353 8.16 19.46 3.09
CA PRO A 353 9.03 19.18 4.24
C PRO A 353 10.49 19.46 3.93
N ASP A 354 11.25 19.96 4.89
CA ASP A 354 12.66 20.20 4.67
C ASP A 354 13.39 18.94 4.17
N ALA A 355 13.08 17.77 4.72
CA ALA A 355 13.77 16.53 4.38
C ALA A 355 13.56 16.16 2.92
N LEU A 356 12.37 16.50 2.41
CA LEU A 356 12.08 16.28 1.00
C LEU A 356 12.79 17.31 0.13
N LYS A 358 15.50 18.62 0.65
CA LYS A 358 16.90 18.19 0.55
C LYS A 358 17.11 17.38 -0.74
N TRP A 359 16.24 16.41 -0.97
CA TRP A 359 16.41 15.53 -2.15
C TRP A 359 16.03 16.27 -3.43
N ILE A 360 15.01 17.11 -3.35
CA ILE A 360 14.63 17.97 -4.46
C ILE A 360 15.84 18.79 -4.95
N ASP A 361 16.58 19.39 -4.01
CA ASP A 361 17.75 20.16 -4.41
C ASP A 361 18.87 19.23 -4.88
N ALA A 362 18.99 18.07 -4.25
CA ALA A 362 20.10 17.18 -4.55
C ALA A 362 20.03 16.70 -6.01
N VAL A 363 18.83 16.53 -6.56
CA VAL A 363 18.75 15.98 -7.90
C VAL A 363 18.48 17.03 -8.97
N ALA A 364 18.38 18.29 -8.57
CA ALA A 364 18.00 19.34 -9.53
C ALA A 364 18.89 19.33 -10.80
N ASP A 365 20.17 19.06 -10.57
CA ASP A 365 21.14 18.92 -11.67
C ASP A 365 21.93 17.61 -11.53
N ILE A 366 21.23 16.53 -11.24
CA ILE A 366 21.88 15.24 -11.04
C ILE A 366 22.64 14.86 -12.30
N SER A 367 23.83 14.29 -12.15
CA SER A 367 24.65 13.97 -13.31
C SER A 367 24.23 12.64 -13.89
N VAL A 368 24.53 12.44 -15.16
CA VAL A 368 24.25 11.18 -15.82
C VAL A 368 25.08 10.07 -15.14
N GLN A 369 26.26 10.40 -14.64
CA GLN A 369 27.07 9.41 -13.91
C GLN A 369 26.33 8.93 -12.67
N GLN A 370 25.69 9.85 -11.94
CA GLN A 370 24.97 9.48 -10.74
C GLN A 370 23.74 8.64 -11.06
N ILE A 371 23.00 9.06 -12.10
CA ILE A 371 21.86 8.30 -12.58
C ILE A 371 22.30 6.87 -12.92
N SER A 372 23.43 6.75 -13.61
CA SER A 372 23.91 5.43 -14.05
C SER A 372 24.32 4.59 -12.86
N ALA A 373 24.94 5.22 -11.86
CA ALA A 373 25.37 4.48 -10.68
C ALA A 373 24.15 3.92 -9.95
N ASP A 374 23.07 4.71 -9.88
CA ASP A 374 21.86 4.24 -9.21
C ASP A 374 21.24 3.08 -10.00
N GLN A 375 21.29 3.16 -11.32
CA GLN A 375 20.79 2.08 -12.18
C GLN A 375 21.58 0.79 -12.01
N LEU A 376 22.90 0.91 -11.85
CA LEU A 376 23.74 -0.25 -11.57
C LEU A 376 23.40 -0.87 -10.21
N LEU A 377 23.20 -0.02 -9.20
CA LEU A 377 22.79 -0.50 -7.88
C LEU A 377 21.48 -1.27 -8.00
N ARG A 378 20.52 -0.70 -8.71
CA ARG A 378 19.23 -1.33 -8.88
C ARG A 378 19.37 -2.69 -9.56
N THR A 379 20.20 -2.73 -10.60
CA THR A 379 20.44 -3.97 -11.34
C THR A 379 21.00 -5.03 -10.40
N THR A 380 21.94 -4.63 -9.56
CA THR A 380 22.58 -5.54 -8.62
C THR A 380 21.55 -6.13 -7.66
N VAL A 381 20.67 -5.28 -7.15
CA VAL A 381 19.63 -5.77 -6.24
C VAL A 381 18.68 -6.72 -6.94
N PHE A 382 18.23 -6.33 -8.14
CA PHE A 382 17.43 -7.20 -8.99
C PHE A 382 18.10 -8.55 -9.15
N ASP A 383 19.40 -8.58 -9.45
CA ASP A 383 20.06 -9.85 -9.71
C ASP A 383 20.22 -10.65 -8.40
N CYS A 384 20.32 -9.96 -7.27
CA CYS A 384 20.41 -10.68 -5.98
C CYS A 384 19.07 -11.35 -5.70
N ASN A 386 16.98 -12.30 -8.04
CA ASN A 386 16.89 -13.36 -9.03
C ASN A 386 17.70 -14.60 -8.59
N GLY A 387 18.82 -14.37 -7.93
CA GLY A 387 19.64 -15.49 -7.46
C GLY A 387 18.88 -16.35 -6.46
N VAL A 388 18.03 -15.71 -5.64
CA VAL A 388 17.18 -16.48 -4.74
C VAL A 388 16.17 -17.30 -5.55
N PHE A 389 15.50 -16.67 -6.52
CA PHE A 389 14.44 -17.39 -7.22
C PHE A 389 14.94 -18.41 -8.25
N ASP A 390 16.26 -18.44 -8.48
CA ASP A 390 16.86 -19.54 -9.24
C ASP A 390 16.70 -20.88 -8.50
N ARG A 391 16.66 -20.79 -7.16
CA ARG A 391 16.66 -21.97 -6.31
C ARG A 391 15.44 -22.13 -5.40
N PHE A 392 14.69 -21.06 -5.14
CA PHE A 392 13.58 -21.10 -4.19
C PHE A 392 12.29 -20.65 -4.86
N ASP A 393 11.18 -21.11 -4.32
CA ASP A 393 9.86 -20.74 -4.78
C ASP A 393 9.34 -19.44 -4.13
N LEU A 394 9.83 -19.11 -2.95
CA LEU A 394 9.31 -17.97 -2.19
C LEU A 394 10.43 -17.45 -1.32
N LEU A 395 10.37 -16.18 -0.95
CA LEU A 395 11.30 -15.62 0.01
C LEU A 395 10.49 -14.94 1.09
N LEU A 396 10.82 -15.20 2.35
CA LEU A 396 10.18 -14.55 3.50
C LEU A 396 11.14 -13.60 4.15
N ALA A 397 10.62 -12.49 4.66
CA ALA A 397 11.43 -11.50 5.39
C ALA A 397 10.47 -10.73 6.27
N PRO A 398 10.97 -9.96 7.26
CA PRO A 398 10.07 -9.03 7.92
C PRO A 398 9.71 -7.95 6.92
N THR A 399 8.48 -7.45 6.96
CA THR A 399 8.13 -6.34 6.05
C THR A 399 8.98 -5.11 6.36
N LEU A 400 9.15 -4.82 7.66
CA LEU A 400 9.78 -3.60 8.11
C LEU A 400 10.81 -3.86 9.20
N ALA A 401 11.74 -2.94 9.34
CA ALA A 401 12.84 -3.09 10.32
C ALA A 401 12.47 -2.62 11.73
N CYS A 402 11.34 -1.95 11.88
CA CYS A 402 10.95 -1.40 13.20
C CYS A 402 9.44 -1.35 13.38
N PRO A 404 5.80 0.53 14.88
CA PRO A 404 5.22 1.85 14.69
C PRO A 404 5.85 2.91 15.60
N VAL A 405 5.95 4.13 15.06
CA VAL A 405 6.45 5.28 15.79
C VAL A 405 5.30 6.15 16.29
N ARG A 406 5.59 6.90 17.35
CA ARG A 406 4.62 7.88 17.86
C ARG A 406 4.39 9.00 16.88
N ASN A 407 3.16 9.48 16.79
CA ASN A 407 2.88 10.65 15.98
C ASN A 407 3.61 11.88 16.52
N ALA A 408 4.25 12.63 15.63
CA ALA A 408 4.76 13.96 15.93
C ALA A 408 3.59 14.96 15.99
N THR A 409 3.90 16.19 16.38
CA THR A 409 2.88 17.24 16.51
C THR A 409 3.10 18.36 15.53
N ASP A 410 4.07 18.21 14.63
CA ASP A 410 4.45 19.28 13.73
C ASP A 410 4.11 18.96 12.27
N GLY A 411 3.35 17.89 12.05
CA GLY A 411 3.00 17.49 10.69
C GLY A 411 4.11 16.76 9.95
N CYS A 412 5.22 16.42 10.64
CA CYS A 412 6.35 15.74 9.98
C CYS A 412 6.79 14.43 10.68
N THR A 413 5.84 13.64 11.15
CA THR A 413 6.14 12.32 11.74
C THR A 413 7.04 11.58 10.76
N GLU A 414 8.09 10.98 11.27
CA GLU A 414 8.98 10.16 10.46
C GLU A 414 9.38 8.93 11.27
N GLY A 415 10.08 8.00 10.61
CA GLY A 415 10.56 6.81 11.28
C GLY A 415 11.78 7.13 12.13
N PRO A 416 12.35 6.11 12.74
CA PRO A 416 13.55 6.28 13.59
C PRO A 416 14.77 6.62 12.74
N SER A 417 15.76 7.33 13.30
CA SER A 417 17.00 7.65 12.58
C SER A 417 18.11 6.66 12.94
N GLN A 418 17.82 5.79 13.89
CA GLN A 418 18.72 4.69 14.22
C GLN A 418 17.92 3.48 14.62
N ILE A 419 18.41 2.30 14.28
CA ILE A 419 17.92 1.03 14.81
C ILE A 419 19.13 0.21 15.28
N ASN A 420 19.05 -0.30 16.49
CA ASN A 420 20.16 -1.06 17.08
C ASN A 420 21.47 -0.25 17.02
N GLY A 421 21.38 1.05 17.20
CA GLY A 421 22.54 1.92 17.19
C GLY A 421 23.12 2.24 15.82
N GLU A 422 22.48 1.72 14.77
CA GLU A 422 22.97 1.93 13.40
C GLU A 422 22.11 3.01 12.74
N GLU A 423 22.74 3.99 12.11
CA GLU A 423 22.03 5.08 11.46
C GLU A 423 21.21 4.50 10.32
N ILE A 424 20.02 5.05 10.14
CA ILE A 424 19.15 4.60 9.06
C ILE A 424 18.32 5.80 8.62
N ASP A 425 18.02 5.87 7.33
CA ASP A 425 17.23 6.99 6.81
C ASP A 425 15.81 6.96 7.41
N PRO A 426 15.40 8.06 8.04
CA PRO A 426 14.15 8.03 8.79
C PRO A 426 12.93 8.10 7.88
N LEU A 427 13.11 8.49 6.62
CA LEU A 427 11.97 8.54 5.69
C LEU A 427 11.65 7.15 5.14
N ILE A 428 12.68 6.41 4.73
CA ILE A 428 12.42 5.18 3.99
C ILE A 428 13.40 4.06 4.33
N GLY A 429 14.45 4.36 5.09
CA GLY A 429 15.52 3.37 5.26
C GLY A 429 15.13 2.06 5.91
N TRP A 430 14.17 2.14 6.84
CA TRP A 430 13.68 0.97 7.57
C TRP A 430 12.55 0.24 6.78
N CYS A 431 12.16 0.80 5.64
CA CYS A 431 11.10 0.19 4.83
C CYS A 431 11.75 -0.80 3.84
N THR A 433 10.83 -3.21 2.31
CA THR A 433 9.98 -3.36 1.11
C THR A 433 10.53 -2.71 -0.16
N TYR A 434 11.35 -1.66 -0.05
CA TYR A 434 11.72 -0.94 -1.27
C TYR A 434 12.54 -1.83 -2.22
N LEU A 435 13.10 -2.92 -1.73
CA LEU A 435 13.85 -3.81 -2.64
C LEU A 435 13.00 -4.27 -3.83
N THR A 436 11.69 -4.52 -3.63
CA THR A 436 10.89 -5.01 -4.77
C THR A 436 10.41 -3.85 -5.66
N ASN A 437 10.53 -2.61 -5.20
CA ASN A 437 10.37 -1.49 -6.13
C ASN A 437 11.61 -1.37 -7.02
N PHE A 438 12.78 -1.82 -6.53
CA PHE A 438 13.91 -1.97 -7.44
C PHE A 438 13.73 -3.16 -8.38
N SER A 439 13.21 -4.28 -7.86
CA SER A 439 13.32 -5.54 -8.59
C SER A 439 12.10 -6.02 -9.37
N GLY A 440 10.90 -5.59 -8.97
CA GLY A 440 9.69 -5.83 -9.75
C GLY A 440 8.92 -7.07 -9.31
N HIS A 441 9.43 -7.78 -8.33
CA HIS A 441 8.78 -9.02 -7.83
C HIS A 441 7.51 -8.70 -7.08
N PRO A 442 6.49 -9.56 -7.21
CA PRO A 442 5.27 -9.40 -6.41
C PRO A 442 5.55 -9.72 -4.93
N SER A 443 4.91 -9.05 -3.98
CA SER A 443 5.07 -9.40 -2.59
C SER A 443 3.83 -8.95 -1.81
N ALA A 444 3.62 -9.55 -0.64
CA ALA A 444 2.49 -9.11 0.18
C ALA A 444 2.94 -9.10 1.63
N SER A 445 2.47 -8.12 2.38
CA SER A 445 2.70 -8.11 3.81
C SER A 445 1.55 -8.86 4.49
N VAL A 446 1.89 -9.92 5.23
CA VAL A 446 0.93 -10.68 6.03
C VAL A 446 1.11 -10.39 7.53
N PRO A 447 0.01 -10.16 8.24
CA PRO A 447 0.13 -9.88 9.67
C PRO A 447 0.76 -11.08 10.38
N ALA A 448 1.85 -10.84 11.11
CA ALA A 448 2.58 -11.94 11.72
C ALA A 448 2.33 -12.03 13.21
N GLY A 449 1.56 -11.08 13.76
CA GLY A 449 1.33 -11.05 15.20
C GLY A 449 1.50 -9.67 15.82
N LEU A 450 1.49 -9.61 17.15
CA LEU A 450 1.69 -8.33 17.85
C LEU A 450 2.94 -8.39 18.74
N ILE A 451 3.60 -7.25 18.85
CA ILE A 451 4.72 -7.07 19.76
C ILE A 451 4.35 -5.88 20.62
N ASP A 452 4.21 -6.15 21.92
CA ASP A 452 3.79 -5.10 22.85
C ASP A 452 2.52 -4.38 22.35
N GLY A 453 1.57 -5.15 21.84
CA GLY A 453 0.27 -4.63 21.49
C GLY A 453 0.17 -4.01 20.10
N LEU A 454 1.29 -3.96 19.37
CA LEU A 454 1.32 -3.31 18.05
C LEU A 454 1.65 -4.34 16.94
N PRO A 455 1.06 -4.15 15.76
CA PRO A 455 1.25 -5.18 14.74
C PRO A 455 2.62 -5.15 14.09
N ALA A 456 3.04 -6.30 13.61
CA ALA A 456 4.23 -6.40 12.75
C ALA A 456 3.92 -7.33 11.60
N GLY A 457 4.50 -7.05 10.43
CA GLY A 457 4.25 -7.87 9.27
C GLY A 457 5.41 -8.72 8.78
N LEU A 459 6.86 -10.22 5.09
CA LEU A 459 6.71 -10.06 3.65
C LEU A 459 6.93 -11.41 2.98
N ILE A 460 5.99 -11.78 2.11
CA ILE A 460 6.15 -12.94 1.27
C ILE A 460 6.44 -12.46 -0.15
N ILE A 461 7.59 -12.85 -0.69
CA ILE A 461 7.96 -12.41 -2.03
C ILE A 461 7.94 -13.60 -2.99
N GLY A 462 7.34 -13.41 -4.19
CA GLY A 462 7.40 -14.44 -5.21
C GLY A 462 8.35 -14.10 -6.32
N ASP A 463 8.60 -15.08 -7.19
CA ASP A 463 9.40 -14.87 -8.39
C ASP A 463 8.67 -13.85 -9.26
N ARG A 464 9.39 -13.28 -10.22
CA ARG A 464 8.69 -12.38 -11.17
C ARG A 464 7.44 -13.04 -11.72
N GLN A 465 6.33 -12.28 -11.70
CA GLN A 465 5.03 -12.71 -12.23
C GLN A 465 4.37 -13.87 -11.47
N ALA A 466 4.91 -14.21 -10.30
CA ALA A 466 4.32 -15.29 -9.52
C ALA A 466 3.34 -14.77 -8.46
N ASP A 467 2.45 -13.88 -8.89
CA ASP A 467 1.43 -13.34 -7.99
C ASP A 467 0.61 -14.45 -7.33
N LEU A 468 0.26 -15.49 -8.08
CA LEU A 468 -0.61 -16.52 -7.50
C LEU A 468 0.15 -17.30 -6.40
N ASP A 469 1.46 -17.46 -6.54
CA ASP A 469 2.24 -18.15 -5.50
C ASP A 469 2.18 -17.32 -4.21
N VAL A 470 2.22 -16.01 -4.34
CA VAL A 470 2.15 -15.11 -3.17
C VAL A 470 0.77 -15.26 -2.52
N ILE A 471 -0.29 -15.25 -3.33
CA ILE A 471 -1.64 -15.45 -2.80
C ILE A 471 -1.71 -16.81 -2.09
N ALA A 472 -1.20 -17.86 -2.73
CA ALA A 472 -1.32 -19.23 -2.15
C ALA A 472 -0.63 -19.29 -0.79
N ALA A 473 0.59 -18.78 -0.72
CA ALA A 473 1.31 -18.80 0.56
C ALA A 473 0.61 -17.92 1.63
N SER A 474 0.09 -16.77 1.19
CA SER A 474 -0.57 -15.86 2.10
C SER A 474 -1.80 -16.54 2.70
N ALA A 475 -2.61 -17.18 1.84
CA ALA A 475 -3.85 -17.79 2.33
C ALA A 475 -3.52 -18.99 3.23
N ALA A 476 -2.47 -19.72 2.88
CA ALA A 476 -2.06 -20.85 3.72
C ALA A 476 -1.65 -20.37 5.11
N PHE A 477 -0.89 -19.27 5.15
CA PHE A 477 -0.47 -18.72 6.44
C PHE A 477 -1.69 -18.18 7.20
N GLU A 478 -2.65 -17.56 6.50
CA GLU A 478 -3.81 -17.00 7.12
C GLU A 478 -4.61 -18.10 7.83
N ARG A 479 -4.70 -19.26 7.22
CA ARG A 479 -5.46 -20.38 7.82
C ARG A 479 -4.74 -20.90 9.05
N ALA A 480 -3.42 -21.03 8.94
CA ALA A 480 -2.62 -21.71 10.00
C ALA A 480 -2.25 -20.77 11.14
N SER A 481 -2.15 -19.49 10.84
CA SER A 481 -1.73 -18.46 11.79
C SER A 481 -2.60 -17.22 11.63
N PRO A 482 -3.89 -17.34 11.99
CA PRO A 482 -4.81 -16.24 11.80
C PRO A 482 -4.43 -14.99 12.57
N TRP A 483 -4.83 -13.85 12.01
CA TRP A 483 -4.62 -12.57 12.61
C TRP A 483 -5.94 -11.82 12.89
N SER A 484 -7.06 -12.43 12.51
CA SER A 484 -8.33 -11.72 12.65
C SER A 484 -8.67 -11.44 14.11
N GLN A 485 -8.22 -12.30 15.02
CA GLN A 485 -8.51 -12.08 16.43
C GLN A 485 -7.91 -10.77 16.91
N TYR A 486 -6.81 -10.33 16.32
CA TYR A 486 -6.19 -9.10 16.80
C TYR A 486 -7.05 -7.85 16.50
N TYR A 487 -8.00 -7.94 15.57
CA TYR A 487 -8.88 -6.81 15.29
C TYR A 487 -9.74 -6.50 16.52
N ASP A 488 -9.77 -7.41 17.52
CA ASP A 488 -10.50 -7.08 18.74
C ASP A 488 -10.01 -5.79 19.36
N ILE A 489 -8.75 -5.45 19.16
CA ILE A 489 -8.19 -4.26 19.78
C ILE A 489 -8.83 -3.00 19.19
N PRO A 490 -8.68 -2.76 17.87
CA PRO A 490 -9.42 -1.61 17.34
C PRO A 490 -10.95 -1.68 17.53
N ALA A 491 -11.53 -2.87 17.46
CA ALA A 491 -12.99 -3.03 17.55
C ALA A 491 -13.49 -2.56 18.92
N GLY A 492 -12.62 -2.61 19.90
CA GLY A 492 -13.00 -2.19 21.26
C GLY A 492 -12.45 -0.84 21.70
N ARG A 493 -11.84 -0.09 20.80
CA ARG A 493 -11.21 1.15 21.22
C ARG A 493 -12.28 2.20 21.53
N PRO A 494 -12.00 3.11 22.48
CA PRO A 494 -12.94 4.18 22.81
C PRO A 494 -13.08 5.20 21.68
N LEU A 495 -14.29 5.71 21.47
CA LEU A 495 -14.57 6.63 20.35
C LEU A 495 -14.73 8.08 20.81
#